data_1OPH
#
_entry.id   1OPH
#
_cell.length_a   132.230
_cell.length_b   62.320
_cell.length_c   98.880
_cell.angle_alpha   90.00
_cell.angle_beta   110.32
_cell.angle_gamma   90.00
#
_symmetry.space_group_name_H-M   'C 1 2 1'
#
loop_
_entity.id
_entity.type
_entity.pdbx_description
1 polymer 'Alpha-1-antitrypsin precursor'
2 polymer 'Trypsinogen, cationic precursor'
3 water water
#
loop_
_entity_poly.entity_id
_entity_poly.type
_entity_poly.pdbx_seq_one_letter_code
_entity_poly.pdbx_strand_id
1 'polypeptide(L)'
;MDPQGDAAQKTDTSHHDQDHPTFNKITPNLAEFAFSLYRQLAHQSNSTNILFSPVSIAAAFAMLSLGAKGDTHDEILEGL
NFNLTEIPEAQIHEGFQELLRTLNQPDSQLQLTTGNGLFLSEGLKLVDKFLEDVKKLYHSEAFTVNFGDTEEAKKQINDY
VEKGTQGKIVDLVKELDRDTVFALVNYIFFKGKWERPFEVKDTEEEDFHVDQVTTVKVPMMKRLGMFNIQHSKKLSSWVL
LMKYLGNATAIFFLPDEGKLQHLENELTHDIITKFLENEDRRSASLHLPKLSITGTYDLKSVLGQLGITKVFSNGADLSG
VTEEAPLKLSKAVHKAVLTIDEKGTEAAGAMFLEAIPRSIPPEVKFNKPFVFLIIEQNTKAPLFMGRVVNPTQK
;
A
2 'polypeptide(L)'
;FIFLALLGAAVAFPVDDDDKIVGGYTCGANTVPYQVSLNSGYHFCGGSLINSQWVVSAAHCYKSGIQVRLGEDNINVVEG
NEQFISASKSIVHPSYNSNTLNNDIMLIKLKSAASLNSRVASISLPTSCASAGTQCLISGWGNTKSSGTSYPDVLKCLKA
PILSDSSCKSAYPGQITSNMFCAGYLEGGKDSCQGDAGGPVVCSGKLQGIVSWGSGCAQKNKPGVYTKVCNYVSWIKQTI
ASN
;
B
#
# COMPACT_ATOMS: atom_id res chain seq x y z
N HIS A 20 -19.62 6.53 -23.68
CA HIS A 20 -19.44 7.27 -22.41
C HIS A 20 -19.04 6.30 -21.31
N PRO A 21 -17.80 6.39 -20.85
CA PRO A 21 -17.30 5.50 -19.79
C PRO A 21 -18.02 5.64 -18.45
N THR A 22 -18.18 4.50 -17.78
CA THR A 22 -18.84 4.46 -16.47
C THR A 22 -18.29 5.52 -15.53
N PHE A 23 -16.97 5.68 -15.51
CA PHE A 23 -16.34 6.66 -14.64
C PHE A 23 -17.03 8.02 -14.70
N ASN A 24 -17.13 8.58 -15.90
CA ASN A 24 -17.71 9.91 -16.11
C ASN A 24 -19.15 10.04 -15.65
N LYS A 25 -19.85 8.94 -15.51
CA LYS A 25 -21.24 9.00 -15.08
C LYS A 25 -21.49 8.98 -13.57
N ILE A 26 -20.67 8.27 -12.81
CA ILE A 26 -20.92 8.18 -11.38
C ILE A 26 -19.76 8.27 -10.38
N THR A 27 -18.55 7.93 -10.79
CA THR A 27 -17.42 7.92 -9.87
C THR A 27 -17.18 9.19 -9.05
N PRO A 28 -17.00 10.36 -9.71
CA PRO A 28 -16.78 11.57 -8.91
C PRO A 28 -17.85 11.74 -7.85
N ASN A 29 -19.07 11.32 -8.19
CA ASN A 29 -20.20 11.42 -7.28
C ASN A 29 -20.10 10.41 -6.14
N LEU A 30 -19.72 9.17 -6.47
CA LEU A 30 -19.59 8.12 -5.48
C LEU A 30 -18.51 8.53 -4.47
N ALA A 31 -17.48 9.20 -4.97
CA ALA A 31 -16.38 9.66 -4.12
C ALA A 31 -16.90 10.66 -3.10
N GLU A 32 -17.68 11.64 -3.55
CA GLU A 32 -18.21 12.62 -2.61
C GLU A 32 -19.16 11.96 -1.64
N PHE A 33 -19.93 10.99 -2.12
CA PHE A 33 -20.87 10.27 -1.26
C PHE A 33 -20.04 9.54 -0.21
N ALA A 34 -19.06 8.77 -0.68
CA ALA A 34 -18.17 8.01 0.19
C ALA A 34 -17.66 8.90 1.33
N PHE A 35 -17.15 10.09 0.99
CA PHE A 35 -16.61 11.02 1.97
C PHE A 35 -17.65 11.53 2.96
N SER A 36 -18.85 11.83 2.47
CA SER A 36 -19.92 12.33 3.32
C SER A 36 -20.32 11.31 4.38
N LEU A 37 -20.55 10.08 3.93
CA LEU A 37 -20.94 9.00 4.82
C LEU A 37 -19.80 8.73 5.81
N TYR A 38 -18.58 8.62 5.30
CA TYR A 38 -17.44 8.35 6.16
C TYR A 38 -17.35 9.40 7.26
N ARG A 39 -17.23 10.66 6.87
CA ARG A 39 -17.11 11.75 7.84
C ARG A 39 -18.23 11.82 8.84
N GLN A 40 -19.42 11.37 8.45
CA GLN A 40 -20.53 11.38 9.40
C GLN A 40 -20.19 10.42 10.54
N LEU A 41 -19.73 9.23 10.17
CA LEU A 41 -19.37 8.21 11.15
C LEU A 41 -18.12 8.58 11.92
N ALA A 42 -17.16 9.18 11.24
CA ALA A 42 -15.90 9.55 11.88
C ALA A 42 -16.05 10.75 12.82
N HIS A 43 -17.10 11.55 12.62
CA HIS A 43 -17.31 12.70 13.47
C HIS A 43 -17.99 12.32 14.78
N GLN A 44 -18.58 11.12 14.80
CA GLN A 44 -19.25 10.64 16.00
C GLN A 44 -18.25 10.05 16.99
N SER A 45 -17.19 9.43 16.47
CA SER A 45 -16.17 8.82 17.31
C SER A 45 -14.86 8.65 16.57
N ASN A 46 -13.75 8.77 17.28
CA ASN A 46 -12.46 8.60 16.64
C ASN A 46 -11.88 7.23 16.95
N SER A 47 -12.64 6.41 17.68
CA SER A 47 -12.14 5.10 18.06
C SER A 47 -12.96 3.91 17.60
N THR A 48 -13.83 4.10 16.63
CA THR A 48 -14.65 2.99 16.14
C THR A 48 -14.12 2.51 14.80
N ASN A 49 -14.30 1.23 14.55
CA ASN A 49 -13.89 0.64 13.28
C ASN A 49 -14.99 1.00 12.30
N ILE A 50 -14.63 1.24 11.06
CA ILE A 50 -15.62 1.59 10.05
C ILE A 50 -15.39 0.76 8.80
N LEU A 51 -16.47 0.35 8.16
CA LEU A 51 -16.38 -0.40 6.91
C LEU A 51 -17.74 -0.38 6.22
N PHE A 52 -17.78 0.21 5.03
CA PHE A 52 -19.01 0.27 4.28
C PHE A 52 -18.68 0.36 2.80
N SER A 53 -19.66 0.09 1.95
CA SER A 53 -19.44 0.17 0.51
C SER A 53 -20.21 1.33 -0.08
N PRO A 54 -19.50 2.37 -0.53
CA PRO A 54 -20.17 3.53 -1.13
C PRO A 54 -20.99 3.06 -2.32
N VAL A 55 -20.34 2.26 -3.18
CA VAL A 55 -20.96 1.72 -4.37
C VAL A 55 -22.25 0.97 -4.04
N SER A 56 -22.13 -0.03 -3.20
CA SER A 56 -23.24 -0.88 -2.78
C SER A 56 -24.41 -0.10 -2.19
N ILE A 57 -24.13 0.86 -1.32
CA ILE A 57 -25.19 1.64 -0.71
C ILE A 57 -25.85 2.60 -1.70
N ALA A 58 -25.06 3.28 -2.51
CA ALA A 58 -25.60 4.22 -3.48
C ALA A 58 -26.41 3.51 -4.56
N ALA A 59 -25.93 2.37 -5.03
CA ALA A 59 -26.64 1.62 -6.06
C ALA A 59 -28.02 1.24 -5.55
N ALA A 60 -28.07 0.73 -4.32
CA ALA A 60 -29.32 0.31 -3.69
C ALA A 60 -30.37 1.40 -3.58
N PHE A 61 -29.94 2.64 -3.30
CA PHE A 61 -30.89 3.72 -3.18
C PHE A 61 -31.18 4.42 -4.51
N ALA A 62 -30.31 4.19 -5.49
CA ALA A 62 -30.50 4.75 -6.82
C ALA A 62 -31.59 3.87 -7.41
N MET A 63 -31.53 2.59 -7.05
CA MET A 63 -32.49 1.61 -7.52
C MET A 63 -33.85 1.94 -6.91
N LEU A 64 -33.85 2.25 -5.62
CA LEU A 64 -35.07 2.58 -4.90
C LEU A 64 -35.74 3.85 -5.45
N SER A 65 -34.93 4.82 -5.87
CA SER A 65 -35.46 6.07 -6.41
C SER A 65 -36.29 5.82 -7.67
N LEU A 66 -36.11 4.66 -8.28
CA LEU A 66 -36.87 4.30 -9.48
C LEU A 66 -38.36 4.21 -9.16
N GLY A 67 -38.67 3.93 -7.90
CA GLY A 67 -40.05 3.81 -7.47
C GLY A 67 -40.52 5.03 -6.68
N ALA A 68 -39.63 6.01 -6.54
CA ALA A 68 -39.97 7.23 -5.81
C ALA A 68 -40.34 8.33 -6.81
N LYS A 69 -40.97 9.40 -6.31
CA LYS A 69 -41.36 10.51 -7.15
C LYS A 69 -41.39 11.80 -6.36
N GLY A 70 -41.50 12.93 -7.06
CA GLY A 70 -41.54 14.21 -6.39
C GLY A 70 -40.26 14.50 -5.65
N ASP A 71 -40.37 15.20 -4.53
CA ASP A 71 -39.18 15.54 -3.74
C ASP A 71 -38.57 14.29 -3.12
N THR A 72 -39.39 13.27 -2.90
CA THR A 72 -38.91 12.02 -2.32
C THR A 72 -37.81 11.46 -3.21
N HIS A 73 -38.07 11.49 -4.51
CA HIS A 73 -37.11 11.01 -5.51
C HIS A 73 -35.88 11.90 -5.62
N ASP A 74 -36.11 13.21 -5.72
CA ASP A 74 -35.01 14.17 -5.84
C ASP A 74 -34.10 14.13 -4.63
N GLU A 75 -34.71 14.06 -3.46
CA GLU A 75 -33.96 14.03 -2.20
C GLU A 75 -33.01 12.83 -2.12
N ILE A 76 -33.42 11.69 -2.67
CA ILE A 76 -32.58 10.50 -2.65
C ILE A 76 -31.31 10.73 -3.46
N LEU A 77 -31.49 11.00 -4.76
CA LEU A 77 -30.35 11.22 -5.64
C LEU A 77 -29.47 12.40 -5.21
N GLU A 78 -30.09 13.46 -4.70
CA GLU A 78 -29.31 14.61 -4.26
C GLU A 78 -28.57 14.22 -2.99
N GLY A 79 -29.08 13.19 -2.30
CA GLY A 79 -28.45 12.72 -1.08
C GLY A 79 -27.25 11.85 -1.38
N LEU A 80 -27.19 11.33 -2.61
CA LEU A 80 -26.07 10.49 -3.02
C LEU A 80 -25.03 11.35 -3.74
N ASN A 81 -25.15 12.66 -3.56
CA ASN A 81 -24.23 13.62 -4.16
C ASN A 81 -24.31 13.72 -5.69
N PHE A 82 -25.50 13.49 -6.23
CA PHE A 82 -25.73 13.58 -7.67
C PHE A 82 -26.52 14.86 -7.94
N ASN A 83 -26.01 15.72 -8.82
CA ASN A 83 -26.73 16.96 -9.15
C ASN A 83 -27.64 16.70 -10.34
N LEU A 84 -28.94 16.67 -10.08
CA LEU A 84 -29.93 16.41 -11.12
C LEU A 84 -29.96 17.45 -12.23
N THR A 85 -29.32 18.59 -12.01
CA THR A 85 -29.29 19.63 -13.02
C THR A 85 -27.91 19.70 -13.69
N GLU A 86 -27.22 18.56 -13.76
CA GLU A 86 -25.91 18.48 -14.39
C GLU A 86 -25.72 17.17 -15.13
N ILE A 87 -26.45 16.14 -14.72
CA ILE A 87 -26.37 14.85 -15.37
C ILE A 87 -27.73 14.15 -15.33
N PRO A 88 -28.20 13.66 -16.49
CA PRO A 88 -29.48 12.97 -16.63
C PRO A 88 -29.59 11.72 -15.76
N GLU A 89 -30.76 11.54 -15.16
CA GLU A 89 -31.03 10.39 -14.31
C GLU A 89 -30.72 9.08 -15.03
N ALA A 90 -30.85 9.08 -16.35
CA ALA A 90 -30.60 7.90 -17.15
C ALA A 90 -29.13 7.50 -17.10
N GLN A 91 -28.26 8.51 -17.03
CA GLN A 91 -26.81 8.30 -16.99
C GLN A 91 -26.45 7.61 -15.66
N ILE A 92 -27.05 8.12 -14.59
CA ILE A 92 -26.82 7.57 -13.26
C ILE A 92 -27.16 6.08 -13.23
N HIS A 93 -28.36 5.74 -13.67
CA HIS A 93 -28.78 4.34 -13.67
C HIS A 93 -27.95 3.47 -14.61
N GLU A 94 -27.57 4.03 -15.75
CA GLU A 94 -26.77 3.28 -16.71
C GLU A 94 -25.39 3.00 -16.13
N GLY A 95 -24.90 3.96 -15.35
CA GLY A 95 -23.59 3.81 -14.73
C GLY A 95 -23.60 2.67 -13.72
N PHE A 96 -24.53 2.74 -12.78
CA PHE A 96 -24.64 1.69 -11.77
C PHE A 96 -24.87 0.33 -12.41
N GLN A 97 -25.65 0.32 -13.51
CA GLN A 97 -25.94 -0.90 -14.22
C GLN A 97 -24.65 -1.52 -14.75
N GLU A 98 -23.81 -0.69 -15.36
CA GLU A 98 -22.55 -1.13 -15.93
C GLU A 98 -21.62 -1.65 -14.86
N LEU A 99 -21.47 -0.90 -13.78
CA LEU A 99 -20.61 -1.30 -12.67
C LEU A 99 -21.09 -2.56 -11.99
N LEU A 100 -22.35 -2.58 -11.55
CA LEU A 100 -22.90 -3.76 -10.89
C LEU A 100 -22.78 -4.98 -11.81
N ARG A 101 -22.93 -4.75 -13.11
CA ARG A 101 -22.83 -5.80 -14.10
C ARG A 101 -21.45 -6.46 -14.04
N THR A 102 -20.43 -5.63 -13.99
CA THR A 102 -19.05 -6.09 -13.94
C THR A 102 -18.70 -6.80 -12.62
N LEU A 103 -19.30 -6.35 -11.52
CA LEU A 103 -19.03 -6.96 -10.23
C LEU A 103 -19.74 -8.30 -10.03
N ASN A 104 -20.78 -8.54 -10.82
CA ASN A 104 -21.53 -9.79 -10.71
C ASN A 104 -21.02 -10.86 -11.65
N GLN A 105 -20.04 -10.51 -12.48
CA GLN A 105 -19.48 -11.47 -13.42
C GLN A 105 -18.97 -12.70 -12.69
N PRO A 106 -19.64 -13.86 -12.89
CA PRO A 106 -19.22 -15.09 -12.23
C PRO A 106 -17.74 -15.37 -12.45
N ASP A 107 -17.22 -14.92 -13.58
CA ASP A 107 -15.82 -15.13 -13.93
C ASP A 107 -14.92 -13.90 -13.77
N SER A 108 -14.64 -13.54 -12.52
CA SER A 108 -13.78 -12.41 -12.21
C SER A 108 -12.82 -12.89 -11.12
N GLN A 109 -11.55 -12.51 -11.22
CA GLN A 109 -10.55 -12.91 -10.24
C GLN A 109 -10.70 -12.19 -8.92
N LEU A 110 -11.56 -11.17 -8.91
CA LEU A 110 -11.78 -10.37 -7.71
C LEU A 110 -12.56 -11.13 -6.64
N GLN A 111 -13.55 -11.91 -7.08
CA GLN A 111 -14.38 -12.68 -6.16
C GLN A 111 -15.03 -11.73 -5.15
N LEU A 112 -15.87 -10.86 -5.67
CA LEU A 112 -16.61 -9.89 -4.88
C LEU A 112 -18.08 -10.12 -5.15
N THR A 113 -18.86 -10.29 -4.10
CA THR A 113 -20.29 -10.51 -4.26
C THR A 113 -21.09 -9.50 -3.45
N THR A 114 -22.03 -8.85 -4.13
CA THR A 114 -22.88 -7.85 -3.49
C THR A 114 -24.32 -8.02 -3.98
N GLY A 115 -25.28 -7.76 -3.11
CA GLY A 115 -26.66 -7.91 -3.51
C GLY A 115 -27.64 -7.05 -2.73
N ASN A 116 -28.89 -7.02 -3.21
CA ASN A 116 -29.94 -6.26 -2.58
C ASN A 116 -31.11 -7.13 -2.17
N GLY A 117 -31.78 -6.72 -1.10
CA GLY A 117 -32.93 -7.44 -0.61
C GLY A 117 -34.11 -6.50 -0.49
N LEU A 118 -35.09 -6.65 -1.37
CA LEU A 118 -36.28 -5.83 -1.32
C LEU A 118 -37.43 -6.65 -0.77
N PHE A 119 -37.92 -6.26 0.41
CA PHE A 119 -39.02 -6.98 1.04
C PHE A 119 -40.23 -6.10 1.30
N LEU A 120 -41.32 -6.47 0.64
CA LEU A 120 -42.59 -5.75 0.75
C LEU A 120 -43.66 -6.67 1.29
N SER A 121 -44.61 -6.10 2.01
CA SER A 121 -45.69 -6.89 2.60
C SER A 121 -46.52 -7.57 1.51
N GLU A 122 -46.79 -8.86 1.72
CA GLU A 122 -47.59 -9.62 0.76
C GLU A 122 -48.97 -8.97 0.67
N GLY A 123 -49.57 -9.04 -0.50
CA GLY A 123 -50.88 -8.45 -0.68
C GLY A 123 -50.82 -7.09 -1.35
N LEU A 124 -49.63 -6.50 -1.39
CA LEU A 124 -49.45 -5.21 -2.03
C LEU A 124 -49.35 -5.39 -3.54
N LYS A 125 -50.18 -4.65 -4.27
CA LYS A 125 -50.14 -4.71 -5.73
C LYS A 125 -48.93 -3.88 -6.13
N LEU A 126 -47.91 -4.54 -6.66
CA LEU A 126 -46.68 -3.86 -7.05
C LEU A 126 -46.71 -3.36 -8.49
N VAL A 127 -46.03 -2.25 -8.72
CA VAL A 127 -45.96 -1.66 -10.05
C VAL A 127 -45.01 -2.52 -10.88
N ASP A 128 -45.51 -3.03 -12.01
CA ASP A 128 -44.71 -3.88 -12.89
C ASP A 128 -43.46 -3.19 -13.41
N LYS A 129 -43.59 -1.92 -13.79
CA LYS A 129 -42.46 -1.17 -14.30
C LYS A 129 -41.32 -1.19 -13.29
N PHE A 130 -41.65 -0.99 -12.02
CA PHE A 130 -40.65 -0.99 -10.97
C PHE A 130 -39.86 -2.30 -10.91
N LEU A 131 -40.57 -3.42 -10.73
CA LEU A 131 -39.93 -4.73 -10.62
C LEU A 131 -39.09 -5.08 -11.85
N GLU A 132 -39.47 -4.54 -13.01
CA GLU A 132 -38.75 -4.78 -14.25
C GLU A 132 -37.41 -4.06 -14.24
N ASP A 133 -37.43 -2.80 -13.83
CA ASP A 133 -36.21 -2.00 -13.78
C ASP A 133 -35.23 -2.58 -12.76
N VAL A 134 -35.75 -2.90 -11.57
CA VAL A 134 -34.93 -3.47 -10.52
C VAL A 134 -34.21 -4.74 -10.97
N LYS A 135 -34.84 -5.52 -11.83
CA LYS A 135 -34.26 -6.75 -12.35
C LYS A 135 -33.25 -6.52 -13.46
N LYS A 136 -33.61 -5.68 -14.42
CA LYS A 136 -32.75 -5.39 -15.56
C LYS A 136 -31.60 -4.42 -15.24
N LEU A 137 -31.91 -3.33 -14.55
CA LEU A 137 -30.90 -2.35 -14.23
C LEU A 137 -30.02 -2.68 -13.03
N TYR A 138 -30.64 -3.12 -11.94
CA TYR A 138 -29.86 -3.42 -10.74
C TYR A 138 -29.68 -4.89 -10.42
N HIS A 139 -30.03 -5.76 -11.37
CA HIS A 139 -29.90 -7.20 -11.18
C HIS A 139 -30.37 -7.60 -9.79
N SER A 140 -31.40 -6.91 -9.29
CA SER A 140 -31.93 -7.20 -7.96
C SER A 140 -33.32 -7.79 -8.03
N GLU A 141 -33.76 -8.40 -6.93
CA GLU A 141 -35.08 -9.01 -6.87
C GLU A 141 -35.90 -8.53 -5.67
N ALA A 142 -37.22 -8.54 -5.85
CA ALA A 142 -38.13 -8.14 -4.79
C ALA A 142 -38.74 -9.41 -4.19
N PHE A 143 -39.13 -9.34 -2.93
CA PHE A 143 -39.73 -10.48 -2.25
C PHE A 143 -40.91 -10.01 -1.40
N THR A 144 -41.87 -10.90 -1.21
CA THR A 144 -43.03 -10.59 -0.40
C THR A 144 -42.92 -11.37 0.89
N VAL A 145 -43.27 -10.72 2.00
CA VAL A 145 -43.23 -11.34 3.31
C VAL A 145 -44.39 -10.83 4.15
N ASN A 146 -44.85 -11.65 5.08
CA ASN A 146 -45.94 -11.25 5.94
C ASN A 146 -45.34 -10.60 7.16
N PHE A 147 -45.33 -9.27 7.16
CA PHE A 147 -44.79 -8.54 8.29
C PHE A 147 -45.75 -8.66 9.46
N GLY A 148 -46.90 -9.27 9.21
CA GLY A 148 -47.89 -9.48 10.24
C GLY A 148 -47.27 -10.29 11.36
N ASP A 149 -46.40 -11.23 11.00
CA ASP A 149 -45.69 -12.05 11.97
C ASP A 149 -44.24 -11.62 11.93
N THR A 150 -43.90 -10.66 12.80
CA THR A 150 -42.56 -10.10 12.90
C THR A 150 -41.42 -11.12 12.93
N GLU A 151 -41.63 -12.25 13.60
CA GLU A 151 -40.59 -13.26 13.71
C GLU A 151 -40.35 -14.08 12.44
N GLU A 152 -41.43 -14.48 11.77
CA GLU A 152 -41.28 -15.25 10.55
C GLU A 152 -40.69 -14.34 9.48
N ALA A 153 -41.16 -13.10 9.45
CA ALA A 153 -40.67 -12.13 8.48
C ALA A 153 -39.16 -11.97 8.65
N LYS A 154 -38.73 -11.84 9.90
CA LYS A 154 -37.31 -11.68 10.22
C LYS A 154 -36.53 -12.90 9.75
N LYS A 155 -37.01 -14.09 10.12
CA LYS A 155 -36.35 -15.34 9.73
C LYS A 155 -36.26 -15.42 8.21
N GLN A 156 -37.32 -15.00 7.53
CA GLN A 156 -37.36 -15.04 6.07
C GLN A 156 -36.29 -14.13 5.47
N ILE A 157 -36.26 -12.87 5.91
CA ILE A 157 -35.28 -11.92 5.40
C ILE A 157 -33.85 -12.41 5.61
N ASN A 158 -33.55 -12.84 6.83
CA ASN A 158 -32.23 -13.34 7.16
C ASN A 158 -31.93 -14.58 6.32
N ASP A 159 -32.96 -15.39 6.08
CA ASP A 159 -32.80 -16.60 5.28
C ASP A 159 -32.31 -16.22 3.89
N TYR A 160 -32.84 -15.12 3.37
CA TYR A 160 -32.45 -14.64 2.04
C TYR A 160 -30.99 -14.21 1.99
N VAL A 161 -30.58 -13.38 2.94
CA VAL A 161 -29.20 -12.92 2.99
C VAL A 161 -28.30 -14.12 3.27
N GLU A 162 -28.84 -15.06 4.03
CA GLU A 162 -28.15 -16.29 4.39
C GLU A 162 -27.81 -17.08 3.12
N LYS A 163 -28.80 -17.24 2.25
CA LYS A 163 -28.60 -17.97 1.00
C LYS A 163 -27.80 -17.11 0.02
N GLY A 164 -28.08 -15.81 0.03
CA GLY A 164 -27.38 -14.90 -0.87
C GLY A 164 -25.88 -14.83 -0.65
N THR A 165 -25.46 -14.69 0.61
CA THR A 165 -24.04 -14.61 0.92
C THR A 165 -23.42 -15.99 1.17
N GLN A 166 -24.15 -17.03 0.79
CA GLN A 166 -23.68 -18.40 0.97
C GLN A 166 -23.25 -18.69 2.40
N GLY A 167 -23.96 -18.12 3.36
CA GLY A 167 -23.64 -18.33 4.76
C GLY A 167 -22.72 -17.31 5.41
N LYS A 168 -22.17 -16.39 4.60
CA LYS A 168 -21.28 -15.37 5.11
C LYS A 168 -21.95 -14.39 6.08
N ILE A 169 -23.25 -14.15 5.88
CA ILE A 169 -24.00 -13.23 6.74
C ILE A 169 -25.24 -13.89 7.33
N VAL A 170 -25.23 -14.12 8.64
CA VAL A 170 -26.35 -14.76 9.32
C VAL A 170 -27.07 -13.84 10.29
N ASP A 171 -28.40 -13.89 10.28
CA ASP A 171 -29.23 -13.08 11.17
C ASP A 171 -28.95 -11.60 11.02
N LEU A 172 -28.85 -11.13 9.78
CA LEU A 172 -28.58 -9.73 9.50
C LEU A 172 -29.52 -8.79 10.24
N VAL A 173 -30.82 -9.10 10.21
CA VAL A 173 -31.80 -8.27 10.89
C VAL A 173 -32.14 -8.84 12.26
N LYS A 174 -32.24 -7.96 13.25
CA LYS A 174 -32.55 -8.40 14.61
C LYS A 174 -33.87 -7.84 15.13
N GLU A 175 -34.42 -6.83 14.45
CA GLU A 175 -35.68 -6.24 14.88
C GLU A 175 -36.52 -5.67 13.74
N LEU A 176 -37.80 -6.03 13.72
CA LEU A 176 -38.74 -5.54 12.71
C LEU A 176 -39.92 -4.85 13.38
N ASP A 177 -40.11 -3.57 13.09
CA ASP A 177 -41.21 -2.83 13.67
C ASP A 177 -42.54 -3.47 13.25
N ARG A 178 -43.54 -3.35 14.12
CA ARG A 178 -44.86 -3.93 13.87
C ARG A 178 -45.51 -3.49 12.57
N ASP A 179 -45.48 -2.19 12.26
CA ASP A 179 -46.09 -1.69 11.04
C ASP A 179 -45.19 -1.67 9.81
N THR A 180 -44.13 -2.45 9.84
CA THR A 180 -43.22 -2.50 8.69
C THR A 180 -43.97 -3.05 7.49
N VAL A 181 -43.77 -2.40 6.35
CA VAL A 181 -44.43 -2.81 5.11
C VAL A 181 -43.38 -2.96 4.01
N PHE A 182 -42.25 -2.27 4.21
CA PHE A 182 -41.18 -2.27 3.24
C PHE A 182 -39.82 -2.17 3.94
N ALA A 183 -38.93 -3.11 3.65
CA ALA A 183 -37.59 -3.12 4.24
C ALA A 183 -36.57 -3.43 3.16
N LEU A 184 -35.42 -2.77 3.23
CA LEU A 184 -34.35 -2.97 2.26
C LEU A 184 -33.06 -3.46 2.89
N VAL A 185 -32.51 -4.54 2.34
CA VAL A 185 -31.28 -5.14 2.83
C VAL A 185 -30.20 -5.03 1.76
N ASN A 186 -29.03 -4.53 2.15
CA ASN A 186 -27.91 -4.39 1.22
C ASN A 186 -26.65 -4.97 1.85
N TYR A 187 -25.95 -5.81 1.10
CA TYR A 187 -24.74 -6.45 1.60
C TYR A 187 -23.64 -6.58 0.57
N ILE A 188 -22.43 -6.85 1.04
CA ILE A 188 -21.28 -7.02 0.16
C ILE A 188 -20.18 -7.77 0.89
N PHE A 189 -19.52 -8.68 0.20
CA PHE A 189 -18.45 -9.47 0.77
C PHE A 189 -17.26 -9.49 -0.19
N PHE A 190 -16.06 -9.26 0.35
CA PHE A 190 -14.87 -9.24 -0.49
C PHE A 190 -13.63 -9.79 0.19
N LYS A 191 -12.87 -10.55 -0.58
CA LYS A 191 -11.61 -11.14 -0.14
C LYS A 191 -10.79 -11.31 -1.41
N GLY A 192 -9.87 -10.38 -1.64
CA GLY A 192 -9.07 -10.45 -2.84
C GLY A 192 -7.75 -11.15 -2.64
N LYS A 193 -7.07 -11.41 -3.76
CA LYS A 193 -5.78 -12.05 -3.74
C LYS A 193 -4.83 -11.01 -4.34
N TRP A 194 -3.67 -10.82 -3.70
CA TRP A 194 -2.69 -9.85 -4.16
C TRP A 194 -1.94 -10.32 -5.41
N GLU A 195 -1.45 -9.36 -6.21
CA GLU A 195 -0.68 -9.71 -7.41
C GLU A 195 0.65 -10.23 -6.88
N ARG A 196 1.14 -9.60 -5.83
CA ARG A 196 2.38 -9.96 -5.17
C ARG A 196 2.01 -10.27 -3.72
N PRO A 197 1.92 -11.57 -3.38
CA PRO A 197 1.55 -12.01 -2.03
C PRO A 197 2.64 -11.94 -0.95
N PHE A 198 2.22 -12.24 0.28
CA PHE A 198 3.08 -12.27 1.45
C PHE A 198 3.30 -13.75 1.77
N GLU A 199 4.46 -14.11 2.29
CA GLU A 199 4.72 -15.49 2.67
C GLU A 199 4.11 -15.73 4.05
N VAL A 200 3.15 -16.64 4.13
CA VAL A 200 2.48 -16.96 5.38
C VAL A 200 3.49 -17.26 6.49
N LYS A 201 4.61 -17.83 6.10
CA LYS A 201 5.66 -18.18 7.03
C LYS A 201 6.24 -16.93 7.73
N ASP A 202 6.16 -15.78 7.06
CA ASP A 202 6.70 -14.55 7.62
C ASP A 202 5.73 -13.78 8.50
N THR A 203 4.49 -14.23 8.57
CA THR A 203 3.49 -13.55 9.38
C THR A 203 3.72 -13.85 10.86
N GLU A 204 3.80 -12.79 11.67
CA GLU A 204 4.03 -12.93 13.11
C GLU A 204 3.09 -12.02 13.90
N GLU A 205 2.93 -12.33 15.18
CA GLU A 205 2.08 -11.53 16.06
C GLU A 205 2.87 -10.28 16.42
N GLU A 206 2.25 -9.11 16.30
CA GLU A 206 2.94 -7.87 16.65
C GLU A 206 2.01 -6.89 17.29
N ASP A 207 2.60 -5.91 17.96
CA ASP A 207 1.87 -4.86 18.63
C ASP A 207 1.12 -3.98 17.65
N PHE A 208 -0.13 -3.69 17.98
CA PHE A 208 -0.92 -2.78 17.17
C PHE A 208 -1.37 -1.74 18.19
N HIS A 209 -0.94 -0.50 17.96
CA HIS A 209 -1.25 0.59 18.87
C HIS A 209 -2.61 1.22 18.62
N VAL A 210 -3.63 0.73 19.30
CA VAL A 210 -4.98 1.28 19.13
C VAL A 210 -4.91 2.76 19.45
N ASP A 211 -4.17 3.11 20.51
CA ASP A 211 -3.94 4.51 20.85
C ASP A 211 -2.54 4.62 21.42
N GLN A 212 -2.16 5.81 21.88
CA GLN A 212 -0.82 6.01 22.39
C GLN A 212 -0.47 5.15 23.59
N VAL A 213 -1.46 4.80 24.42
CA VAL A 213 -1.22 4.01 25.61
C VAL A 213 -1.88 2.65 25.67
N THR A 214 -2.24 2.10 24.53
CA THR A 214 -2.89 0.80 24.50
C THR A 214 -2.50 0.04 23.24
N THR A 215 -2.09 -1.21 23.41
CA THR A 215 -1.71 -2.04 22.28
C THR A 215 -2.47 -3.35 22.33
N VAL A 216 -2.54 -4.03 21.19
CA VAL A 216 -3.19 -5.33 21.08
C VAL A 216 -2.29 -6.12 20.15
N LYS A 217 -2.28 -7.44 20.27
CA LYS A 217 -1.44 -8.26 19.40
C LYS A 217 -2.25 -8.60 18.17
N VAL A 218 -1.60 -8.55 17.01
CA VAL A 218 -2.30 -8.88 15.77
C VAL A 218 -1.34 -9.55 14.80
N PRO A 219 -1.85 -10.53 14.03
CA PRO A 219 -0.98 -11.20 13.06
C PRO A 219 -0.55 -10.15 12.04
N MET A 220 0.76 -10.01 11.88
CA MET A 220 1.29 -8.99 10.98
C MET A 220 2.01 -9.61 9.79
N MET A 221 1.47 -9.38 8.60
CA MET A 221 2.10 -9.89 7.40
C MET A 221 3.25 -8.94 7.12
N LYS A 222 4.32 -9.44 6.53
CA LYS A 222 5.42 -8.56 6.24
C LYS A 222 6.21 -9.05 5.04
N ARG A 223 6.77 -8.10 4.30
CA ARG A 223 7.56 -8.44 3.14
C ARG A 223 8.45 -7.27 2.76
N LEU A 224 9.66 -7.61 2.34
CA LEU A 224 10.62 -6.64 1.89
C LEU A 224 10.56 -6.66 0.37
N GLY A 225 10.26 -5.51 -0.23
CA GLY A 225 10.17 -5.45 -1.67
C GLY A 225 10.01 -4.04 -2.16
N MET A 226 9.52 -3.91 -3.38
CA MET A 226 9.29 -2.61 -3.99
C MET A 226 7.82 -2.31 -3.88
N PHE A 227 7.48 -1.26 -3.15
CA PHE A 227 6.08 -0.90 -2.96
C PHE A 227 5.75 0.52 -3.43
N ASN A 228 4.49 0.70 -3.80
CA ASN A 228 3.99 1.99 -4.22
C ASN A 228 3.61 2.57 -2.86
N ILE A 229 4.62 3.10 -2.17
CA ILE A 229 4.44 3.63 -0.83
C ILE A 229 5.24 4.90 -0.69
N GLN A 230 4.72 5.84 0.08
CA GLN A 230 5.40 7.12 0.23
C GLN A 230 4.74 7.91 1.35
N HIS A 231 5.47 8.88 1.88
CA HIS A 231 4.92 9.69 2.94
C HIS A 231 4.47 11.05 2.39
N SER A 232 3.21 11.39 2.62
CA SER A 232 2.65 12.66 2.17
C SER A 232 2.65 13.70 3.29
N LYS A 233 3.37 14.80 3.07
CA LYS A 233 3.43 15.85 4.07
C LYS A 233 2.08 16.56 4.15
N LYS A 234 1.36 16.59 3.04
CA LYS A 234 0.06 17.24 2.96
C LYS A 234 -1.00 16.53 3.80
N LEU A 235 -0.93 15.20 3.85
CA LEU A 235 -1.89 14.42 4.61
C LEU A 235 -1.30 13.96 5.94
N SER A 236 -0.01 14.21 6.13
CA SER A 236 0.68 13.80 7.35
C SER A 236 0.47 12.30 7.50
N SER A 237 0.63 11.57 6.40
CA SER A 237 0.41 10.13 6.41
C SER A 237 1.24 9.36 5.39
N TRP A 238 1.52 8.11 5.71
CA TRP A 238 2.21 7.26 4.74
C TRP A 238 1.05 6.74 3.90
N VAL A 239 1.27 6.62 2.60
CA VAL A 239 0.22 6.15 1.70
C VAL A 239 0.74 4.94 0.94
N LEU A 240 0.01 3.84 1.02
CA LEU A 240 0.39 2.60 0.34
C LEU A 240 -0.68 2.12 -0.63
N LEU A 241 -0.25 1.68 -1.81
CA LEU A 241 -1.16 1.15 -2.82
C LEU A 241 -0.75 -0.28 -3.16
N MET A 242 -1.69 -1.20 -3.03
CA MET A 242 -1.46 -2.61 -3.31
C MET A 242 -2.45 -3.07 -4.36
N LYS A 243 -1.93 -3.60 -5.47
CA LYS A 243 -2.83 -4.08 -6.52
C LYS A 243 -3.31 -5.50 -6.27
N TYR A 244 -4.60 -5.69 -6.45
CA TYR A 244 -5.21 -7.00 -6.27
C TYR A 244 -5.18 -7.71 -7.61
N LEU A 245 -5.20 -9.03 -7.54
CA LEU A 245 -5.24 -9.84 -8.73
C LEU A 245 -6.74 -9.74 -9.03
N GLY A 246 -7.11 -9.08 -10.11
CA GLY A 246 -8.53 -8.97 -10.41
C GLY A 246 -9.06 -7.57 -10.67
N ASN A 247 -8.17 -6.64 -11.00
CA ASN A 247 -8.59 -5.28 -11.30
C ASN A 247 -9.23 -4.53 -10.14
N ALA A 248 -8.47 -4.42 -9.06
CA ALA A 248 -8.91 -3.71 -7.86
C ALA A 248 -7.63 -3.26 -7.19
N THR A 249 -7.68 -2.12 -6.51
CA THR A 249 -6.52 -1.60 -5.85
C THR A 249 -6.88 -1.15 -4.46
N ALA A 250 -6.03 -1.49 -3.50
CA ALA A 250 -6.26 -1.09 -2.13
C ALA A 250 -5.28 0.03 -1.81
N ILE A 251 -5.79 1.10 -1.21
CA ILE A 251 -4.93 2.21 -0.85
C ILE A 251 -5.12 2.48 0.63
N PHE A 252 -4.02 2.53 1.37
CA PHE A 252 -4.07 2.74 2.82
C PHE A 252 -3.45 4.06 3.25
N PHE A 253 -4.09 4.74 4.19
CA PHE A 253 -3.58 6.01 4.71
C PHE A 253 -3.24 5.85 6.18
N LEU A 254 -1.94 5.89 6.48
CA LEU A 254 -1.45 5.76 7.85
C LEU A 254 -1.10 7.16 8.36
N PRO A 255 -2.01 7.78 9.12
CA PRO A 255 -1.73 9.13 9.63
C PRO A 255 -0.64 9.13 10.71
N ASP A 256 0.12 10.21 10.77
CA ASP A 256 1.16 10.36 11.78
C ASP A 256 0.45 10.46 13.13
N GLU A 257 1.18 10.34 14.22
CA GLU A 257 0.58 10.40 15.55
C GLU A 257 -0.32 11.63 15.73
N GLY A 258 -1.55 11.37 16.16
CA GLY A 258 -2.50 12.45 16.38
C GLY A 258 -3.02 13.16 15.15
N LYS A 259 -2.74 12.62 13.97
CA LYS A 259 -3.19 13.26 12.73
C LYS A 259 -4.31 12.54 11.98
N LEU A 260 -5.03 11.66 12.68
CA LEU A 260 -6.13 10.94 12.05
C LEU A 260 -7.21 11.90 11.59
N GLN A 261 -7.63 12.79 12.48
CA GLN A 261 -8.68 13.76 12.15
C GLN A 261 -8.21 14.66 11.01
N HIS A 262 -6.94 15.02 11.01
CA HIS A 262 -6.38 15.87 9.95
C HIS A 262 -6.54 15.15 8.61
N LEU A 263 -6.11 13.90 8.55
CA LEU A 263 -6.19 13.06 7.35
C LEU A 263 -7.61 12.88 6.83
N GLU A 264 -8.52 12.52 7.73
CA GLU A 264 -9.91 12.29 7.35
C GLU A 264 -10.51 13.59 6.83
N ASN A 265 -9.89 14.70 7.22
CA ASN A 265 -10.35 16.03 6.85
C ASN A 265 -9.77 16.54 5.55
N GLU A 266 -8.57 16.10 5.20
CA GLU A 266 -7.88 16.55 3.99
C GLU A 266 -8.12 15.71 2.74
N LEU A 267 -8.73 14.54 2.89
CA LEU A 267 -8.98 13.66 1.76
C LEU A 267 -9.96 14.26 0.74
N THR A 268 -9.56 14.20 -0.52
CA THR A 268 -10.37 14.70 -1.62
C THR A 268 -10.19 13.72 -2.74
N HIS A 269 -11.10 13.77 -3.71
CA HIS A 269 -11.03 12.90 -4.89
C HIS A 269 -9.73 13.19 -5.64
N ASP A 270 -9.39 14.47 -5.76
CA ASP A 270 -8.17 14.86 -6.47
C ASP A 270 -6.93 14.26 -5.80
N ILE A 271 -6.85 14.36 -4.47
CA ILE A 271 -5.69 13.80 -3.77
C ILE A 271 -5.60 12.29 -3.93
N ILE A 272 -6.71 11.60 -3.77
CA ILE A 272 -6.72 10.15 -3.92
C ILE A 272 -6.32 9.79 -5.36
N THR A 273 -6.90 10.50 -6.32
CA THR A 273 -6.59 10.27 -7.74
C THR A 273 -5.11 10.46 -8.01
N LYS A 274 -4.51 11.48 -7.41
CA LYS A 274 -3.08 11.72 -7.60
C LYS A 274 -2.29 10.45 -7.28
N PHE A 275 -2.68 9.75 -6.21
CA PHE A 275 -1.96 8.54 -5.85
C PHE A 275 -2.19 7.41 -6.84
N LEU A 276 -3.43 7.26 -7.31
CA LEU A 276 -3.73 6.20 -8.27
C LEU A 276 -3.02 6.40 -9.61
N GLU A 277 -2.61 7.63 -9.90
CA GLU A 277 -1.93 7.96 -11.15
C GLU A 277 -0.44 7.66 -11.12
N ASN A 278 0.17 7.80 -9.95
CA ASN A 278 1.61 7.56 -9.80
C ASN A 278 1.92 6.10 -9.54
N GLU A 279 2.83 5.55 -10.34
CA GLU A 279 3.22 4.14 -10.19
C GLU A 279 4.65 3.91 -9.70
N ASP A 280 5.39 4.98 -9.43
CA ASP A 280 6.76 4.81 -8.95
C ASP A 280 6.74 4.05 -7.63
N ARG A 281 7.74 3.20 -7.44
CA ARG A 281 7.85 2.42 -6.22
C ARG A 281 9.20 2.65 -5.56
N ARG A 282 9.32 2.21 -4.32
CA ARG A 282 10.57 2.35 -3.61
C ARG A 282 10.70 1.17 -2.65
N SER A 283 11.91 0.87 -2.21
CA SER A 283 12.10 -0.24 -1.32
C SER A 283 11.52 0.02 0.05
N ALA A 284 10.96 -1.01 0.66
CA ALA A 284 10.41 -0.87 1.99
C ALA A 284 10.14 -2.23 2.59
N SER A 285 10.23 -2.30 3.90
CA SER A 285 9.95 -3.52 4.62
C SER A 285 8.57 -3.22 5.17
N LEU A 286 7.54 -3.72 4.49
CA LEU A 286 6.16 -3.48 4.88
C LEU A 286 5.59 -4.48 5.88
N HIS A 287 4.86 -3.94 6.84
CA HIS A 287 4.19 -4.75 7.85
C HIS A 287 2.73 -4.30 7.73
N LEU A 288 1.88 -5.22 7.30
CA LEU A 288 0.46 -4.94 7.12
C LEU A 288 -0.34 -5.98 7.89
N PRO A 289 -1.28 -5.54 8.73
CA PRO A 289 -2.05 -6.53 9.49
C PRO A 289 -3.05 -7.34 8.65
N LYS A 290 -3.18 -8.60 9.03
CA LYS A 290 -4.10 -9.52 8.40
C LYS A 290 -5.44 -9.11 9.04
N LEU A 291 -6.54 -9.17 8.31
CA LEU A 291 -7.80 -8.82 8.96
C LEU A 291 -9.11 -9.30 8.35
N SER A 292 -10.07 -9.49 9.24
CA SER A 292 -11.42 -9.93 8.91
C SER A 292 -12.29 -8.92 9.60
N ILE A 293 -12.77 -7.93 8.86
CA ILE A 293 -13.59 -6.91 9.47
C ILE A 293 -14.97 -6.81 8.83
N THR A 294 -15.91 -6.23 9.58
CA THR A 294 -17.26 -6.08 9.08
C THR A 294 -17.81 -4.73 9.48
N GLY A 295 -18.93 -4.37 8.85
CA GLY A 295 -19.60 -3.12 9.14
C GLY A 295 -21.08 -3.35 8.93
N THR A 296 -21.89 -2.89 9.88
CA THR A 296 -23.34 -3.06 9.81
C THR A 296 -23.95 -1.71 10.15
N TYR A 297 -24.83 -1.21 9.29
CA TYR A 297 -25.42 0.09 9.58
C TYR A 297 -26.91 0.23 9.33
N ASP A 298 -27.54 1.09 10.11
CA ASP A 298 -28.95 1.40 9.98
C ASP A 298 -28.96 2.57 9.01
N LEU A 299 -29.21 2.29 7.73
CA LEU A 299 -29.21 3.32 6.71
C LEU A 299 -30.23 4.44 6.91
N LYS A 300 -31.31 4.16 7.62
CA LYS A 300 -32.33 5.17 7.88
C LYS A 300 -31.73 6.26 8.77
N SER A 301 -30.96 5.82 9.75
CA SER A 301 -30.31 6.74 10.67
C SER A 301 -29.15 7.48 10.01
N VAL A 302 -28.34 6.76 9.24
CA VAL A 302 -27.19 7.33 8.56
C VAL A 302 -27.54 8.21 7.38
N LEU A 303 -28.30 7.67 6.43
CA LEU A 303 -28.68 8.45 5.25
C LEU A 303 -29.55 9.65 5.66
N GLY A 304 -30.29 9.48 6.75
CA GLY A 304 -31.15 10.55 7.24
C GLY A 304 -30.33 11.78 7.59
N GLN A 305 -29.14 11.57 8.15
CA GLN A 305 -28.27 12.68 8.52
C GLN A 305 -27.65 13.31 7.27
N LEU A 306 -27.72 12.58 6.15
CA LEU A 306 -27.16 13.07 4.90
C LEU A 306 -28.22 13.75 4.05
N GLY A 307 -29.39 13.99 4.66
CA GLY A 307 -30.47 14.65 3.95
C GLY A 307 -31.56 13.77 3.35
N ILE A 308 -31.33 12.46 3.29
CA ILE A 308 -32.34 11.56 2.75
C ILE A 308 -33.29 11.13 3.86
N THR A 309 -34.37 11.88 4.05
CA THR A 309 -35.34 11.56 5.10
C THR A 309 -36.77 11.30 4.65
N LYS A 310 -37.19 11.90 3.55
CA LYS A 310 -38.56 11.72 3.07
C LYS A 310 -38.96 10.29 2.71
N VAL A 311 -38.09 9.55 2.04
CA VAL A 311 -38.42 8.18 1.68
C VAL A 311 -38.64 7.32 2.91
N PHE A 312 -38.24 7.83 4.08
CA PHE A 312 -38.40 7.11 5.35
C PHE A 312 -39.55 7.69 6.18
N SER A 313 -40.17 8.76 5.68
CA SER A 313 -41.25 9.43 6.40
C SER A 313 -42.65 9.00 5.98
N ASN A 314 -43.64 9.43 6.77
CA ASN A 314 -45.04 9.12 6.49
C ASN A 314 -45.51 9.77 5.19
N GLY A 315 -44.89 10.88 4.83
CA GLY A 315 -45.26 11.56 3.60
C GLY A 315 -44.41 11.12 2.41
N ALA A 316 -43.89 9.91 2.49
CA ALA A 316 -43.05 9.37 1.43
C ALA A 316 -43.83 9.04 0.16
N ASP A 317 -43.27 9.39 -0.99
CA ASP A 317 -43.92 9.10 -2.25
C ASP A 317 -43.23 7.93 -2.93
N LEU A 318 -43.78 6.75 -2.76
CA LEU A 318 -43.24 5.54 -3.38
C LEU A 318 -44.30 4.93 -4.27
N SER A 319 -45.09 5.80 -4.90
CA SER A 319 -46.17 5.37 -5.79
C SER A 319 -45.60 4.61 -6.97
N GLY A 320 -44.29 4.69 -7.16
CA GLY A 320 -43.64 3.99 -8.24
C GLY A 320 -43.49 2.52 -7.90
N VAL A 321 -43.62 2.22 -6.60
CA VAL A 321 -43.49 0.85 -6.12
C VAL A 321 -44.89 0.24 -6.02
N THR A 322 -45.84 1.06 -5.57
CA THR A 322 -47.23 0.65 -5.41
C THR A 322 -48.15 1.85 -5.51
N GLU A 323 -49.34 1.64 -6.05
CA GLU A 323 -50.32 2.71 -6.20
C GLU A 323 -51.54 2.40 -5.34
N GLU A 324 -51.59 1.17 -4.82
CA GLU A 324 -52.68 0.71 -3.98
C GLU A 324 -52.88 1.58 -2.74
N ALA A 325 -51.81 1.76 -1.98
CA ALA A 325 -51.89 2.56 -0.76
C ALA A 325 -50.55 3.22 -0.44
N PRO A 326 -50.54 4.17 0.51
CA PRO A 326 -49.31 4.87 0.90
C PRO A 326 -48.19 3.87 1.22
N LEU A 327 -46.94 4.35 1.14
CA LEU A 327 -45.81 3.49 1.40
C LEU A 327 -44.54 4.28 1.68
N LYS A 328 -43.77 3.80 2.65
CA LYS A 328 -42.51 4.43 3.01
C LYS A 328 -41.54 3.32 3.37
N LEU A 329 -40.24 3.61 3.29
CA LEU A 329 -39.23 2.62 3.64
C LEU A 329 -39.18 2.55 5.15
N SER A 330 -39.54 1.37 5.70
CA SER A 330 -39.57 1.18 7.14
C SER A 330 -38.21 0.79 7.73
N LYS A 331 -37.46 -0.02 7.00
CA LYS A 331 -36.17 -0.51 7.45
C LYS A 331 -35.16 -0.56 6.31
N ALA A 332 -33.91 -0.21 6.59
CA ALA A 332 -32.85 -0.25 5.59
C ALA A 332 -31.52 -0.56 6.30
N VAL A 333 -30.89 -1.67 5.94
CA VAL A 333 -29.64 -2.03 6.59
C VAL A 333 -28.54 -2.42 5.59
N HIS A 334 -27.33 -1.98 5.87
CA HIS A 334 -26.18 -2.30 5.04
C HIS A 334 -25.21 -3.13 5.86
N LYS A 335 -24.63 -4.15 5.22
CA LYS A 335 -23.68 -5.02 5.87
C LYS A 335 -22.50 -5.24 4.92
N ALA A 336 -21.31 -4.89 5.38
CA ALA A 336 -20.10 -5.04 4.56
C ALA A 336 -19.12 -5.99 5.24
N VAL A 337 -18.45 -6.82 4.45
CA VAL A 337 -17.48 -7.76 4.99
C VAL A 337 -16.24 -7.79 4.11
N LEU A 338 -15.09 -7.56 4.73
CA LEU A 338 -13.80 -7.53 4.02
C LEU A 338 -12.74 -8.34 4.74
N THR A 339 -12.05 -9.19 4.00
CA THR A 339 -11.01 -10.02 4.57
C THR A 339 -9.71 -9.76 3.83
N ILE A 340 -8.62 -9.62 4.57
CA ILE A 340 -7.32 -9.39 3.96
C ILE A 340 -6.29 -10.34 4.57
N ASP A 341 -5.60 -11.10 3.73
CA ASP A 341 -4.59 -12.01 4.22
C ASP A 341 -3.40 -12.09 3.25
N GLU A 342 -2.53 -13.06 3.48
CA GLU A 342 -1.33 -13.21 2.66
C GLU A 342 -1.53 -13.73 1.23
N LYS A 343 -2.61 -14.46 1.00
CA LYS A 343 -2.88 -15.06 -0.31
C LYS A 343 -2.79 -14.16 -1.54
N GLY A 344 -2.13 -14.68 -2.57
CA GLY A 344 -1.98 -13.94 -3.81
C GLY A 344 -1.72 -14.86 -4.99
N THR A 345 -0.90 -14.37 -5.93
CA THR A 345 -0.56 -15.11 -7.14
C THR A 345 0.23 -16.39 -6.85
N GLU A 346 0.34 -17.25 -7.85
CA GLU A 346 1.07 -18.51 -7.73
C GLU A 346 2.39 -18.46 -8.49
N ALA A 347 3.50 -18.52 -7.75
CA ALA A 347 4.84 -18.49 -8.35
C ALA A 347 5.89 -18.48 -7.25
N ALA A 348 5.64 -19.28 -6.21
CA ALA A 348 6.56 -19.39 -5.08
C ALA A 348 7.99 -19.62 -5.55
N GLY A 349 8.69 -18.52 -5.87
CA GLY A 349 10.06 -18.64 -6.34
C GLY A 349 10.69 -17.30 -6.69
N ALA A 350 11.63 -17.34 -7.63
CA ALA A 350 12.32 -16.14 -8.08
C ALA A 350 11.41 -15.22 -8.89
N MET A 351 10.24 -15.70 -9.27
CA MET A 351 9.30 -14.89 -10.04
C MET A 351 9.00 -13.61 -9.27
N PHE A 352 8.89 -13.74 -7.96
CA PHE A 352 8.60 -12.61 -7.08
C PHE A 352 9.87 -11.92 -6.59
N LEU A 353 10.96 -12.09 -7.32
CA LEU A 353 12.22 -11.47 -6.95
C LEU A 353 12.33 -10.10 -7.61
N GLU A 354 12.26 -9.05 -6.80
CA GLU A 354 12.32 -7.67 -7.29
C GLU A 354 13.73 -7.07 -7.16
N ALA A 355 14.02 -6.08 -7.99
CA ALA A 355 15.30 -5.39 -7.93
C ALA A 355 15.20 -4.34 -6.82
N ILE A 356 15.99 -4.52 -5.76
CA ILE A 356 15.94 -3.62 -4.61
C ILE A 356 17.27 -2.91 -4.33
N PRO A 357 17.23 -1.58 -4.06
CA PRO A 357 18.47 -0.86 -3.77
C PRO A 357 19.04 -1.51 -2.50
N ARG A 358 20.35 -1.44 -2.29
CA ARG A 358 20.88 -2.10 -1.11
C ARG A 358 21.18 -1.32 0.17
N SER A 359 20.48 -0.21 0.34
CA SER A 359 20.63 0.57 1.56
C SER A 359 19.67 -0.14 2.50
N ILE A 360 19.59 0.31 3.75
CA ILE A 360 18.64 -0.29 4.68
C ILE A 360 17.30 0.31 4.26
N PRO A 361 16.30 -0.52 3.99
CA PRO A 361 14.99 0.01 3.59
C PRO A 361 14.12 0.41 4.76
N PRO A 362 13.29 1.46 4.58
CA PRO A 362 12.42 1.88 5.68
C PRO A 362 11.46 0.78 6.05
N GLU A 363 11.19 0.66 7.34
CA GLU A 363 10.27 -0.34 7.88
C GLU A 363 8.97 0.39 8.17
N VAL A 364 8.05 0.35 7.21
CA VAL A 364 6.77 1.04 7.34
C VAL A 364 5.74 0.09 7.91
N LYS A 365 5.31 0.35 9.13
CA LYS A 365 4.35 -0.50 9.78
C LYS A 365 2.95 0.06 9.90
N PHE A 366 1.96 -0.70 9.48
CA PHE A 366 0.60 -0.26 9.63
C PHE A 366 0.14 -0.88 10.96
N ASN A 367 0.67 -0.29 12.04
CA ASN A 367 0.41 -0.75 13.39
C ASN A 367 -0.30 0.24 14.29
N LYS A 368 -1.12 1.10 13.70
CA LYS A 368 -1.88 2.06 14.46
C LYS A 368 -3.07 2.41 13.56
N PRO A 369 -4.10 3.06 14.10
CA PRO A 369 -5.28 3.40 13.30
C PRO A 369 -5.00 3.96 11.92
N PHE A 370 -5.72 3.44 10.92
CA PHE A 370 -5.55 3.91 9.57
C PHE A 370 -6.83 3.85 8.78
N VAL A 371 -6.82 4.55 7.65
CA VAL A 371 -7.96 4.64 6.76
C VAL A 371 -7.60 3.92 5.47
N PHE A 372 -8.59 3.39 4.76
CA PHE A 372 -8.31 2.72 3.51
C PHE A 372 -9.52 2.71 2.60
N LEU A 373 -9.27 2.37 1.35
CA LEU A 373 -10.33 2.27 0.35
C LEU A 373 -9.93 1.18 -0.60
N ILE A 374 -10.93 0.61 -1.25
CA ILE A 374 -10.67 -0.40 -2.27
C ILE A 374 -11.32 0.18 -3.51
N ILE A 375 -10.50 0.42 -4.52
CA ILE A 375 -10.92 1.04 -5.77
C ILE A 375 -10.98 0.08 -6.94
N GLU A 376 -12.10 0.11 -7.66
CA GLU A 376 -12.26 -0.73 -8.84
C GLU A 376 -11.26 -0.18 -9.88
N GLN A 377 -10.51 -1.08 -10.50
CA GLN A 377 -9.50 -0.69 -11.47
C GLN A 377 -9.94 0.13 -12.70
N ASN A 378 -10.99 -0.32 -13.38
CA ASN A 378 -11.42 0.38 -14.59
C ASN A 378 -12.26 1.63 -14.38
N THR A 379 -13.23 1.56 -13.46
CA THR A 379 -14.10 2.70 -13.20
C THR A 379 -13.62 3.61 -12.09
N LYS A 380 -12.66 3.12 -11.30
CA LYS A 380 -12.11 3.88 -10.19
C LYS A 380 -13.15 4.16 -9.11
N ALA A 381 -14.25 3.41 -9.14
CA ALA A 381 -15.32 3.57 -8.15
C ALA A 381 -14.87 3.06 -6.79
N PRO A 382 -15.33 3.70 -5.70
CA PRO A 382 -14.95 3.28 -4.35
C PRO A 382 -15.79 2.10 -3.85
N LEU A 383 -15.28 0.88 -4.03
CA LEU A 383 -15.99 -0.32 -3.58
C LEU A 383 -16.12 -0.37 -2.07
N PHE A 384 -15.07 0.04 -1.38
CA PHE A 384 -15.04 0.04 0.08
C PHE A 384 -14.28 1.23 0.62
N MET A 385 -14.67 1.65 1.81
CA MET A 385 -13.99 2.71 2.53
C MET A 385 -14.13 2.34 4.00
N GLY A 386 -13.03 2.40 4.73
CA GLY A 386 -13.09 2.08 6.13
C GLY A 386 -11.93 2.62 6.93
N ARG A 387 -11.99 2.36 8.23
CA ARG A 387 -10.98 2.77 9.16
C ARG A 387 -10.76 1.61 10.10
N VAL A 388 -9.50 1.27 10.35
CA VAL A 388 -9.18 0.19 11.24
C VAL A 388 -8.56 0.78 12.49
N VAL A 389 -9.30 0.72 13.59
CA VAL A 389 -8.83 1.22 14.88
C VAL A 389 -8.29 0.06 15.72
N ASN A 390 -9.04 -1.04 15.74
CA ASN A 390 -8.65 -2.24 16.48
C ASN A 390 -9.01 -3.43 15.57
N PRO A 391 -8.01 -4.03 14.92
CA PRO A 391 -8.18 -5.16 14.02
C PRO A 391 -8.64 -6.45 14.68
N THR A 392 -8.53 -6.52 16.00
CA THR A 392 -8.92 -7.76 16.69
C THR A 392 -10.29 -7.71 17.35
N GLN A 393 -10.96 -6.58 17.27
CA GLN A 393 -12.26 -6.45 17.91
C GLN A 393 -13.27 -5.77 16.99
N LYS A 394 -14.54 -6.14 17.14
CA LYS A 394 -15.60 -5.57 16.33
C LYS A 394 -15.73 -4.05 16.52
N ILE B 21 26.71 -8.26 4.01
CA ILE B 21 27.48 -9.21 3.21
C ILE B 21 27.04 -10.63 3.54
N VAL B 22 26.66 -11.40 2.52
CA VAL B 22 26.23 -12.78 2.70
C VAL B 22 27.28 -13.76 2.16
N GLY B 23 27.63 -14.75 2.98
CA GLY B 23 28.60 -15.74 2.56
C GLY B 23 30.02 -15.23 2.62
N GLY B 24 30.26 -14.18 3.40
CA GLY B 24 31.59 -13.62 3.52
C GLY B 24 32.25 -14.02 4.82
N TYR B 25 33.24 -13.24 5.24
CA TYR B 25 33.94 -13.53 6.49
C TYR B 25 34.26 -12.25 7.28
N THR B 26 34.49 -12.42 8.57
CA THR B 26 34.83 -11.30 9.43
C THR B 26 36.18 -10.78 8.96
N CYS B 27 36.23 -9.52 8.54
CA CYS B 27 37.47 -8.93 8.04
C CYS B 27 38.59 -8.86 9.06
N GLY B 28 38.24 -8.45 10.27
CA GLY B 28 39.22 -8.26 11.33
C GLY B 28 39.28 -6.75 11.54
N ALA B 29 39.25 -6.32 12.79
CA ALA B 29 39.27 -4.89 13.12
C ALA B 29 40.22 -4.03 12.29
N ASN B 30 39.64 -2.99 11.70
CA ASN B 30 40.37 -2.02 10.89
C ASN B 30 41.23 -2.54 9.74
N THR B 31 40.93 -3.72 9.21
CA THR B 31 41.73 -4.24 8.09
C THR B 31 41.31 -3.59 6.77
N VAL B 32 40.20 -2.87 6.80
CA VAL B 32 39.68 -2.17 5.63
C VAL B 32 39.51 -0.73 6.09
N PRO B 33 40.63 -0.04 6.34
CA PRO B 33 40.73 1.35 6.80
C PRO B 33 39.94 2.42 6.06
N TYR B 34 39.61 2.19 4.79
CA TYR B 34 38.88 3.16 4.00
C TYR B 34 37.36 3.01 4.11
N GLN B 35 36.91 1.96 4.79
CA GLN B 35 35.48 1.71 4.95
C GLN B 35 34.85 2.60 6.01
N VAL B 36 33.75 3.26 5.66
CA VAL B 36 33.06 4.12 6.63
C VAL B 36 31.61 3.71 6.73
N SER B 37 30.96 4.09 7.83
CA SER B 37 29.57 3.78 8.04
C SER B 37 28.78 5.07 8.11
N LEU B 38 27.69 5.17 7.35
CA LEU B 38 26.87 6.36 7.38
C LEU B 38 25.82 6.10 8.44
N ASN B 39 25.73 7.00 9.41
CA ASN B 39 24.84 6.85 10.55
C ASN B 39 23.84 8.01 10.73
N SER B 40 22.61 7.67 11.10
CA SER B 40 21.56 8.66 11.34
C SER B 40 20.78 8.13 12.52
N GLY B 41 21.53 7.64 13.52
CA GLY B 41 20.93 7.06 14.71
C GLY B 41 21.16 5.57 14.66
N TYR B 42 21.65 5.11 13.50
CA TYR B 42 21.93 3.70 13.27
C TYR B 42 22.67 3.64 11.94
N HIS B 43 23.28 2.50 11.66
CA HIS B 43 23.98 2.30 10.40
C HIS B 43 22.93 2.06 9.32
N PHE B 44 23.04 2.74 8.18
CA PHE B 44 22.06 2.54 7.11
C PHE B 44 22.69 2.38 5.74
N CYS B 45 23.99 2.61 5.66
CA CYS B 45 24.72 2.52 4.39
C CYS B 45 26.21 2.62 4.66
N GLY B 46 27.00 2.23 3.66
CA GLY B 46 28.45 2.30 3.79
C GLY B 46 28.96 3.41 2.89
N GLY B 47 30.27 3.57 2.85
CA GLY B 47 30.89 4.58 2.02
C GLY B 47 32.38 4.35 2.01
N SER B 48 33.09 5.07 1.16
CA SER B 48 34.55 4.93 1.07
C SER B 48 35.23 6.28 1.20
N LEU B 49 36.28 6.32 2.01
CA LEU B 49 37.05 7.53 2.22
C LEU B 49 38.08 7.65 1.10
N ILE B 50 37.98 8.73 0.31
CA ILE B 50 38.92 8.91 -0.79
C ILE B 50 40.02 9.93 -0.49
N ASN B 51 39.82 10.74 0.53
CA ASN B 51 40.81 11.72 0.99
C ASN B 51 40.30 12.20 2.35
N SER B 52 41.18 12.79 3.15
CA SER B 52 40.83 13.25 4.49
C SER B 52 39.49 13.97 4.66
N GLN B 53 38.94 14.55 3.59
CA GLN B 53 37.68 15.26 3.75
C GLN B 53 36.51 14.82 2.87
N TRP B 54 36.71 13.79 2.06
CA TRP B 54 35.63 13.32 1.19
C TRP B 54 35.37 11.83 1.24
N VAL B 55 34.09 11.50 1.17
CA VAL B 55 33.65 10.11 1.19
C VAL B 55 32.80 9.84 -0.04
N VAL B 56 33.03 8.69 -0.70
CA VAL B 56 32.23 8.30 -1.86
C VAL B 56 31.21 7.27 -1.40
N SER B 57 29.96 7.44 -1.83
CA SER B 57 28.89 6.53 -1.44
C SER B 57 27.86 6.45 -2.57
N ALA B 58 26.70 5.86 -2.29
CA ALA B 58 25.64 5.73 -3.26
C ALA B 58 24.64 6.87 -3.14
N ALA B 59 24.08 7.28 -4.28
CA ALA B 59 23.10 8.37 -4.29
C ALA B 59 21.81 7.97 -3.59
N HIS B 60 21.37 6.72 -3.76
CA HIS B 60 20.13 6.33 -3.10
C HIS B 60 20.25 6.30 -1.59
N CYS B 61 21.48 6.42 -1.09
CA CYS B 61 21.71 6.44 0.36
C CYS B 61 21.57 7.86 0.89
N TYR B 62 21.41 8.83 0.00
CA TYR B 62 21.29 10.21 0.43
C TYR B 62 20.28 10.43 1.54
N LYS B 63 20.70 11.24 2.51
CA LYS B 63 19.88 11.55 3.66
C LYS B 63 20.50 12.84 4.22
N SER B 64 19.72 13.67 4.90
CA SER B 64 20.28 14.90 5.46
C SER B 64 20.66 14.62 6.91
N GLY B 65 21.65 15.34 7.43
CA GLY B 65 22.08 15.15 8.81
C GLY B 65 22.85 13.86 9.06
N ILE B 66 23.58 13.40 8.06
CA ILE B 66 24.37 12.17 8.15
C ILE B 66 25.62 12.36 9.01
N GLN B 67 25.92 11.36 9.83
CA GLN B 67 27.14 11.39 10.62
C GLN B 67 28.03 10.26 10.09
N VAL B 68 29.18 10.62 9.54
CA VAL B 68 30.12 9.66 8.98
C VAL B 68 30.99 9.07 10.09
N ARG B 69 31.01 7.74 10.19
CA ARG B 69 31.81 7.07 11.21
C ARG B 69 32.98 6.32 10.58
N LEU B 70 34.19 6.73 10.96
CA LEU B 70 35.42 6.13 10.46
C LEU B 70 36.12 5.31 11.54
N GLY B 71 37.08 4.49 11.12
CA GLY B 71 37.82 3.67 12.07
C GLY B 71 36.95 2.70 12.85
N GLU B 72 35.85 2.28 12.24
CA GLU B 72 34.93 1.35 12.89
C GLU B 72 35.18 -0.12 12.58
N ASP B 73 34.77 -0.96 13.52
CA ASP B 73 34.80 -2.42 13.37
C ASP B 73 33.45 -2.85 13.93
N ASN B 74 33.36 -2.89 15.26
CA ASN B 74 32.11 -3.24 15.92
C ASN B 74 31.34 -1.92 16.00
N ILE B 75 30.44 -1.69 15.06
CA ILE B 75 29.68 -0.44 15.01
C ILE B 75 28.80 -0.14 16.20
N ASN B 76 28.68 -1.09 17.13
CA ASN B 76 27.83 -0.90 18.30
C ASN B 76 28.59 -0.58 19.59
N VAL B 77 29.73 -1.22 19.80
CA VAL B 77 30.50 -0.99 21.01
C VAL B 77 31.73 -0.13 20.73
N VAL B 78 32.05 0.75 21.68
CA VAL B 78 33.20 1.64 21.56
C VAL B 78 34.48 0.83 21.66
N GLU B 79 35.35 0.97 20.67
CA GLU B 79 36.61 0.23 20.68
C GLU B 79 37.84 1.12 20.72
N GLY B 80 37.64 2.43 20.54
CA GLY B 80 38.75 3.35 20.63
C GLY B 80 39.39 3.96 19.40
N ASN B 81 39.05 3.50 18.20
CA ASN B 81 39.66 4.06 17.01
C ASN B 81 38.74 4.83 16.08
N GLU B 82 37.49 5.00 16.50
CA GLU B 82 36.52 5.70 15.67
C GLU B 82 36.60 7.22 15.69
N GLN B 83 36.22 7.83 14.58
CA GLN B 83 36.17 9.28 14.46
C GLN B 83 34.79 9.59 13.87
N PHE B 84 33.92 10.23 14.64
CA PHE B 84 32.59 10.57 14.15
C PHE B 84 32.61 11.98 13.60
N ILE B 85 32.31 12.13 12.31
CA ILE B 85 32.32 13.45 11.70
C ILE B 85 31.04 13.70 10.91
N SER B 86 30.42 14.84 11.14
CA SER B 86 29.18 15.18 10.44
C SER B 86 29.46 15.50 8.98
N ALA B 87 28.44 15.34 8.15
CA ALA B 87 28.55 15.61 6.73
C ALA B 87 28.13 17.07 6.54
N SER B 88 29.05 17.91 6.08
CA SER B 88 28.72 19.30 5.85
C SER B 88 28.01 19.43 4.50
N LYS B 89 28.34 18.52 3.59
CA LYS B 89 27.75 18.52 2.25
C LYS B 89 27.54 17.09 1.75
N SER B 90 26.46 16.88 1.02
CA SER B 90 26.15 15.57 0.44
C SER B 90 25.68 15.84 -0.97
N ILE B 91 26.60 15.76 -1.92
CA ILE B 91 26.30 16.01 -3.32
C ILE B 91 25.98 14.75 -4.13
N VAL B 92 24.73 14.68 -4.58
CA VAL B 92 24.27 13.55 -5.37
C VAL B 92 24.59 13.85 -6.84
N HIS B 93 24.94 12.81 -7.60
CA HIS B 93 25.25 13.00 -9.01
C HIS B 93 24.05 13.63 -9.70
N PRO B 94 24.27 14.72 -10.46
CA PRO B 94 23.21 15.43 -11.18
C PRO B 94 22.33 14.57 -12.11
N SER B 95 22.85 13.43 -12.57
CA SER B 95 22.08 12.57 -13.45
C SER B 95 21.59 11.31 -12.76
N TYR B 96 21.48 11.35 -11.43
CA TYR B 96 21.01 10.19 -10.67
C TYR B 96 19.52 9.93 -10.92
N ASN B 97 19.20 8.72 -11.38
CA ASN B 97 17.81 8.36 -11.62
C ASN B 97 17.41 7.41 -10.50
N SER B 98 16.51 7.86 -9.63
CA SER B 98 16.08 7.05 -8.49
C SER B 98 15.24 5.83 -8.86
N ASN B 99 14.84 5.72 -10.13
CA ASN B 99 14.05 4.59 -10.56
C ASN B 99 14.91 3.51 -11.21
N THR B 100 15.93 3.93 -11.96
CA THR B 100 16.80 2.96 -12.63
C THR B 100 18.10 2.83 -11.86
N LEU B 101 18.33 3.77 -10.94
CA LEU B 101 19.54 3.80 -10.14
C LEU B 101 20.76 4.01 -11.02
N ASN B 102 20.56 4.61 -12.18
CA ASN B 102 21.65 4.91 -13.07
C ASN B 102 22.38 6.09 -12.42
N ASN B 103 23.71 6.10 -12.48
CA ASN B 103 24.49 7.18 -11.88
C ASN B 103 24.30 7.20 -10.36
N ASP B 104 24.23 6.02 -9.76
CA ASP B 104 24.03 5.90 -8.31
C ASP B 104 25.34 6.15 -7.57
N ILE B 105 25.72 7.42 -7.46
CA ILE B 105 26.94 7.80 -6.77
C ILE B 105 26.73 9.14 -6.06
N MET B 106 27.34 9.27 -4.89
CA MET B 106 27.21 10.46 -4.07
C MET B 106 28.52 10.80 -3.36
N LEU B 107 28.80 12.09 -3.26
CA LEU B 107 30.01 12.58 -2.60
C LEU B 107 29.62 13.28 -1.31
N ILE B 108 30.29 12.95 -0.22
CA ILE B 108 30.01 13.56 1.07
C ILE B 108 31.27 14.25 1.57
N LYS B 109 31.14 15.52 1.94
CA LYS B 109 32.27 16.26 2.46
C LYS B 109 32.12 16.30 3.98
N LEU B 110 33.21 15.96 4.67
CA LEU B 110 33.21 15.96 6.12
C LEU B 110 33.31 17.40 6.62
N LYS B 111 32.64 17.69 7.72
CA LYS B 111 32.67 19.04 8.27
C LYS B 111 34.12 19.44 8.58
N SER B 112 34.90 18.46 9.00
CA SER B 112 36.31 18.65 9.33
C SER B 112 37.10 17.47 8.77
N ALA B 113 38.37 17.70 8.43
CA ALA B 113 39.22 16.65 7.90
C ALA B 113 39.49 15.53 8.91
N ALA B 114 39.50 14.30 8.44
CA ALA B 114 39.75 13.16 9.30
C ALA B 114 41.24 13.01 9.60
N SER B 115 41.56 12.45 10.76
CA SER B 115 42.95 12.24 11.12
C SER B 115 43.40 10.90 10.53
N LEU B 116 44.13 10.95 9.43
CA LEU B 116 44.59 9.75 8.77
C LEU B 116 45.63 8.98 9.58
N ASN B 117 45.46 7.67 9.65
CA ASN B 117 46.39 6.81 10.37
C ASN B 117 46.27 5.40 9.81
N SER B 118 46.67 4.40 10.57
CA SER B 118 46.61 3.02 10.08
C SER B 118 45.20 2.43 10.14
N ARG B 119 44.33 3.01 10.97
CA ARG B 119 42.96 2.51 11.10
C ARG B 119 42.02 3.34 10.24
N VAL B 120 42.50 4.47 9.74
CA VAL B 120 41.68 5.35 8.93
C VAL B 120 42.53 5.88 7.78
N ALA B 121 42.31 5.34 6.59
CA ALA B 121 43.06 5.72 5.40
C ALA B 121 42.17 5.81 4.18
N SER B 122 42.61 6.61 3.21
CA SER B 122 41.84 6.78 1.99
C SER B 122 42.22 5.73 0.94
N ILE B 123 41.25 5.38 0.11
CA ILE B 123 41.47 4.41 -0.96
C ILE B 123 41.58 5.23 -2.23
N SER B 124 42.53 4.88 -3.10
CA SER B 124 42.69 5.64 -4.31
C SER B 124 41.67 5.30 -5.39
N LEU B 125 41.46 6.27 -6.28
CA LEU B 125 40.53 6.12 -7.39
C LEU B 125 41.22 5.39 -8.53
N PRO B 126 40.43 4.72 -9.38
CA PRO B 126 40.98 3.98 -10.52
C PRO B 126 41.44 4.93 -11.64
N THR B 127 42.43 4.49 -12.42
CA THR B 127 42.95 5.30 -13.52
C THR B 127 42.49 4.69 -14.84
N SER B 128 41.89 3.52 -14.75
CA SER B 128 41.36 2.81 -15.91
C SER B 128 40.34 1.80 -15.36
N CYS B 129 39.34 1.48 -16.16
CA CYS B 129 38.32 0.54 -15.73
C CYS B 129 38.85 -0.89 -15.65
N ALA B 130 38.29 -1.65 -14.71
CA ALA B 130 38.68 -3.04 -14.50
C ALA B 130 37.94 -3.93 -15.50
N SER B 131 38.60 -4.97 -15.98
CA SER B 131 37.98 -5.88 -16.93
C SER B 131 37.30 -7.06 -16.24
N ALA B 132 36.46 -7.77 -16.98
CA ALA B 132 35.76 -8.93 -16.45
C ALA B 132 36.76 -9.92 -15.84
N GLY B 133 36.37 -10.55 -14.73
CA GLY B 133 37.26 -11.49 -14.08
C GLY B 133 38.09 -10.85 -12.97
N THR B 134 38.26 -9.53 -13.03
CA THR B 134 39.04 -8.83 -12.01
C THR B 134 38.57 -9.23 -10.62
N GLN B 135 39.51 -9.64 -9.79
CA GLN B 135 39.19 -10.08 -8.45
C GLN B 135 39.25 -8.90 -7.48
N CYS B 136 38.20 -8.77 -6.65
CA CYS B 136 38.12 -7.64 -5.73
C CYS B 136 37.63 -8.00 -4.34
N LEU B 137 37.59 -6.98 -3.48
CA LEU B 137 37.13 -7.12 -2.10
C LEU B 137 35.92 -6.22 -1.88
N ILE B 138 34.86 -6.79 -1.34
CA ILE B 138 33.62 -6.07 -1.05
C ILE B 138 33.37 -6.23 0.43
N SER B 139 32.99 -5.14 1.10
CA SER B 139 32.78 -5.18 2.53
C SER B 139 31.61 -4.33 3.00
N GLY B 140 31.13 -4.61 4.20
CA GLY B 140 30.04 -3.86 4.77
C GLY B 140 29.44 -4.51 6.01
N TRP B 141 28.50 -3.80 6.63
CA TRP B 141 27.81 -4.26 7.83
C TRP B 141 26.37 -4.62 7.44
N GLY B 142 26.17 -4.98 6.17
CA GLY B 142 24.83 -5.33 5.71
C GLY B 142 24.34 -6.67 6.22
N ASN B 143 23.11 -7.01 5.86
CA ASN B 143 22.49 -8.27 6.25
C ASN B 143 23.39 -9.44 5.80
N THR B 144 23.49 -10.47 6.63
CA THR B 144 24.35 -11.63 6.30
C THR B 144 23.57 -12.90 5.96
N LYS B 145 22.26 -12.78 5.77
CA LYS B 145 21.42 -13.92 5.42
C LYS B 145 20.76 -13.76 4.05
N SER B 146 20.78 -14.82 3.24
CA SER B 146 20.18 -14.81 1.92
C SER B 146 18.66 -14.85 2.07
N SER B 147 18.22 -15.32 3.23
CA SER B 147 16.80 -15.39 3.55
C SER B 147 16.67 -15.00 5.02
N GLY B 148 15.85 -13.98 5.28
CA GLY B 148 15.69 -13.54 6.65
C GLY B 148 16.60 -12.34 6.88
N THR B 149 16.72 -11.91 8.13
CA THR B 149 17.54 -10.74 8.43
C THR B 149 18.46 -10.93 9.63
N SER B 150 19.72 -10.56 9.47
CA SER B 150 20.69 -10.65 10.53
C SER B 150 21.81 -9.63 10.29
N TYR B 151 21.79 -8.53 11.03
CA TYR B 151 22.81 -7.50 10.88
C TYR B 151 23.96 -7.79 11.82
N PRO B 152 25.19 -7.75 11.31
CA PRO B 152 26.39 -8.03 12.12
C PRO B 152 26.88 -6.82 12.90
N ASP B 153 27.67 -7.10 13.94
CA ASP B 153 28.25 -6.06 14.79
C ASP B 153 29.58 -5.62 14.21
N VAL B 154 30.29 -6.57 13.60
CA VAL B 154 31.59 -6.30 13.02
C VAL B 154 31.56 -6.30 11.51
N LEU B 155 32.57 -5.66 10.90
CA LEU B 155 32.66 -5.57 9.45
C LEU B 155 32.86 -6.93 8.77
N LYS B 156 32.09 -7.19 7.72
CA LYS B 156 32.20 -8.43 6.96
C LYS B 156 32.89 -8.20 5.63
N CYS B 157 33.57 -9.23 5.17
CA CYS B 157 34.31 -9.17 3.91
C CYS B 157 33.95 -10.30 2.96
N LEU B 158 34.13 -10.04 1.67
CA LEU B 158 33.85 -11.03 0.64
C LEU B 158 34.77 -10.85 -0.55
N LYS B 159 35.43 -11.93 -0.96
CA LYS B 159 36.29 -11.86 -2.13
C LYS B 159 35.36 -12.19 -3.29
N ALA B 160 35.34 -11.34 -4.32
CA ALA B 160 34.46 -11.59 -5.44
C ALA B 160 35.01 -11.01 -6.73
N PRO B 161 34.73 -11.66 -7.87
CA PRO B 161 35.20 -11.19 -9.16
C PRO B 161 34.15 -10.38 -9.90
N ILE B 162 34.62 -9.48 -10.75
CA ILE B 162 33.73 -8.69 -11.57
C ILE B 162 33.29 -9.64 -12.67
N LEU B 163 32.00 -9.67 -12.96
CA LEU B 163 31.47 -10.57 -13.99
C LEU B 163 31.46 -9.93 -15.36
N SER B 164 31.43 -10.79 -16.39
CA SER B 164 31.40 -10.33 -17.77
C SER B 164 30.15 -9.48 -18.01
N ASP B 165 30.23 -8.58 -18.97
CA ASP B 165 29.08 -7.74 -19.31
C ASP B 165 27.96 -8.66 -19.79
N SER B 166 28.35 -9.71 -20.52
CA SER B 166 27.40 -10.66 -21.05
C SER B 166 26.51 -11.22 -19.96
N SER B 167 27.11 -11.77 -18.91
CA SER B 167 26.35 -12.34 -17.80
C SER B 167 25.51 -11.33 -17.04
N CYS B 168 26.01 -10.10 -16.94
CA CYS B 168 25.31 -9.04 -16.23
C CYS B 168 24.02 -8.70 -16.96
N LYS B 169 24.15 -8.36 -18.24
CA LYS B 169 22.99 -8.01 -19.05
C LYS B 169 22.01 -9.18 -19.16
N SER B 170 22.55 -10.39 -19.17
CA SER B 170 21.71 -11.57 -19.25
C SER B 170 20.93 -11.76 -17.95
N ALA B 171 21.58 -11.45 -16.82
CA ALA B 171 20.96 -11.60 -15.51
C ALA B 171 19.87 -10.55 -15.26
N TYR B 172 20.07 -9.34 -15.77
CA TYR B 172 19.11 -8.26 -15.61
C TYR B 172 18.84 -7.57 -16.95
N PRO B 173 18.01 -8.18 -17.79
CA PRO B 173 17.67 -7.63 -19.12
C PRO B 173 17.16 -6.19 -19.09
N GLY B 174 17.73 -5.34 -19.95
CA GLY B 174 17.32 -3.95 -20.03
C GLY B 174 17.36 -3.16 -18.72
N GLN B 175 18.15 -3.63 -17.77
CA GLN B 175 18.26 -2.95 -16.47
C GLN B 175 19.66 -2.48 -16.17
N ILE B 176 20.62 -2.89 -17.00
CA ILE B 176 22.00 -2.51 -16.75
C ILE B 176 22.55 -1.55 -17.78
N THR B 177 23.10 -0.45 -17.27
CA THR B 177 23.66 0.60 -18.11
C THR B 177 25.18 0.47 -18.15
N SER B 178 25.82 1.40 -18.84
CA SER B 178 27.27 1.38 -18.95
C SER B 178 27.90 1.92 -17.68
N ASN B 179 27.08 2.44 -16.77
CA ASN B 179 27.59 2.97 -15.51
C ASN B 179 27.40 1.95 -14.39
N MET B 180 27.18 0.70 -14.77
CA MET B 180 26.98 -0.37 -13.80
C MET B 180 27.79 -1.58 -14.21
N PHE B 181 28.00 -2.49 -13.27
CA PHE B 181 28.70 -3.74 -13.54
C PHE B 181 28.34 -4.73 -12.45
N CYS B 182 28.26 -6.00 -12.82
CA CYS B 182 27.91 -7.03 -11.84
C CYS B 182 29.18 -7.66 -11.29
N ALA B 183 29.07 -8.19 -10.07
CA ALA B 183 30.20 -8.86 -9.45
C ALA B 183 29.62 -9.89 -8.51
N GLY B 184 30.33 -11.00 -8.34
CA GLY B 184 29.83 -12.03 -7.46
C GLY B 184 29.85 -13.40 -8.09
N TYR B 185 28.88 -14.23 -7.70
CA TYR B 185 28.79 -15.60 -8.19
C TYR B 185 27.40 -15.92 -8.70
N LEU B 186 27.31 -16.39 -9.94
CA LEU B 186 26.02 -16.72 -10.50
C LEU B 186 25.32 -17.84 -9.75
N GLU B 187 26.08 -18.69 -9.06
CA GLU B 187 25.49 -19.79 -8.31
C GLU B 187 24.78 -19.32 -7.04
N GLY B 188 25.12 -18.11 -6.60
CA GLY B 188 24.51 -17.56 -5.39
C GLY B 188 25.31 -17.87 -4.15
N GLY B 189 24.75 -17.58 -2.98
CA GLY B 189 25.43 -17.85 -1.73
C GLY B 189 26.46 -16.84 -1.25
N LYS B 190 26.99 -16.03 -2.17
CA LYS B 190 28.00 -15.02 -1.84
C LYS B 190 27.58 -13.71 -2.50
N ASP B 191 27.32 -12.69 -1.68
CA ASP B 191 26.85 -11.43 -2.25
C ASP B 191 26.78 -10.32 -1.20
N SER B 192 26.61 -9.09 -1.66
CA SER B 192 26.44 -7.97 -0.75
C SER B 192 24.93 -7.96 -0.53
N CYS B 193 24.43 -7.17 0.43
CA CYS B 193 23.02 -7.17 0.71
C CYS B 193 22.56 -5.83 1.32
N GLN B 194 21.30 -5.76 1.75
CA GLN B 194 20.76 -4.55 2.35
C GLN B 194 21.62 -4.10 3.52
N GLY B 195 22.15 -2.90 3.41
CA GLY B 195 23.01 -2.36 4.44
C GLY B 195 24.43 -2.17 3.95
N ASP B 196 24.75 -2.75 2.78
CA ASP B 196 26.08 -2.62 2.20
C ASP B 196 26.17 -1.50 1.15
N ALA B 197 25.02 -1.03 0.67
CA ALA B 197 24.99 0.03 -0.34
C ALA B 197 25.91 1.18 0.02
N GLY B 198 26.59 1.72 -0.98
CA GLY B 198 27.50 2.82 -0.74
C GLY B 198 28.88 2.27 -0.44
N GLY B 199 28.93 1.04 0.07
CA GLY B 199 30.19 0.40 0.40
C GLY B 199 31.11 0.23 -0.79
N PRO B 200 32.38 -0.13 -0.57
CA PRO B 200 33.36 -0.33 -1.64
C PRO B 200 33.53 -1.71 -2.26
N VAL B 201 34.03 -1.65 -3.49
CA VAL B 201 34.39 -2.81 -4.29
C VAL B 201 35.82 -2.40 -4.69
N VAL B 202 36.82 -2.93 -3.98
CA VAL B 202 38.20 -2.58 -4.28
C VAL B 202 38.95 -3.69 -4.99
N CYS B 203 39.70 -3.32 -6.03
CA CYS B 203 40.48 -4.28 -6.80
C CYS B 203 41.89 -3.73 -6.94
N SER B 204 42.86 -4.45 -6.36
CA SER B 204 44.25 -4.03 -6.40
C SER B 204 44.42 -2.60 -5.89
N GLY B 205 43.80 -2.28 -4.76
CA GLY B 205 43.92 -0.96 -4.19
C GLY B 205 43.15 0.15 -4.91
N LYS B 206 42.28 -0.23 -5.84
CA LYS B 206 41.52 0.78 -6.56
C LYS B 206 40.03 0.61 -6.29
N LEU B 207 39.35 1.72 -6.00
CA LEU B 207 37.90 1.68 -5.75
C LEU B 207 37.25 1.62 -7.13
N GLN B 208 36.91 0.43 -7.58
CA GLN B 208 36.30 0.29 -8.90
C GLN B 208 34.79 0.30 -8.85
N GLY B 209 34.22 0.04 -7.68
CA GLY B 209 32.76 0.04 -7.60
C GLY B 209 32.15 0.41 -6.25
N ILE B 210 30.86 0.69 -6.29
CA ILE B 210 30.08 1.07 -5.11
C ILE B 210 28.88 0.13 -5.07
N VAL B 211 28.59 -0.46 -3.91
CA VAL B 211 27.44 -1.36 -3.79
C VAL B 211 26.18 -0.56 -4.07
N SER B 212 25.37 -1.03 -5.02
CA SER B 212 24.16 -0.32 -5.41
C SER B 212 22.86 -1.11 -5.22
N TRP B 213 22.64 -2.13 -6.06
CA TRP B 213 21.41 -2.90 -5.96
C TRP B 213 21.51 -4.35 -6.43
N GLY B 214 20.37 -5.05 -6.38
CA GLY B 214 20.29 -6.44 -6.80
C GLY B 214 18.92 -7.03 -6.51
N SER B 215 18.56 -8.11 -7.20
CA SER B 215 17.27 -8.74 -6.96
C SER B 215 17.49 -9.80 -5.89
N GLY B 216 17.15 -9.45 -4.65
CA GLY B 216 17.35 -10.36 -3.55
C GLY B 216 18.80 -10.28 -3.14
N CYS B 217 19.25 -11.24 -2.35
CA CYS B 217 20.64 -11.27 -1.90
C CYS B 217 21.18 -12.68 -2.07
N ALA B 218 22.35 -12.80 -2.69
CA ALA B 218 22.99 -14.09 -2.89
C ALA B 218 22.07 -15.10 -3.55
N GLN B 219 21.18 -14.62 -4.41
CA GLN B 219 20.26 -15.52 -5.12
C GLN B 219 20.91 -15.94 -6.43
N LYS B 220 20.62 -17.17 -6.85
CA LYS B 220 21.17 -17.72 -8.08
C LYS B 220 20.82 -16.90 -9.32
N ASN B 221 21.83 -16.62 -10.12
CA ASN B 221 21.65 -15.87 -11.35
C ASN B 221 21.27 -14.42 -11.09
N LYS B 222 21.36 -14.01 -9.83
CA LYS B 222 21.03 -12.65 -9.44
C LYS B 222 22.21 -12.03 -8.67
N PRO B 223 23.29 -11.70 -9.39
CA PRO B 223 24.46 -11.11 -8.74
C PRO B 223 24.24 -9.65 -8.38
N GLY B 224 25.15 -9.12 -7.57
CA GLY B 224 25.04 -7.73 -7.16
C GLY B 224 25.41 -6.80 -8.30
N VAL B 225 24.77 -5.64 -8.32
CA VAL B 225 25.08 -4.65 -9.36
C VAL B 225 25.81 -3.51 -8.66
N TYR B 226 26.85 -2.99 -9.30
CA TYR B 226 27.65 -1.93 -8.71
C TYR B 226 27.85 -0.73 -9.63
N THR B 227 27.97 0.45 -9.03
CA THR B 227 28.21 1.67 -9.79
C THR B 227 29.64 1.59 -10.30
N LYS B 228 29.82 1.83 -11.59
CA LYS B 228 31.15 1.78 -12.21
C LYS B 228 31.87 3.10 -11.94
N VAL B 229 32.63 3.13 -10.85
CA VAL B 229 33.37 4.30 -10.40
C VAL B 229 34.28 4.96 -11.45
N CYS B 230 34.95 4.16 -12.26
CA CYS B 230 35.87 4.67 -13.27
C CYS B 230 35.23 5.66 -14.23
N ASN B 231 33.91 5.66 -14.31
CA ASN B 231 33.20 6.56 -15.19
C ASN B 231 32.99 7.93 -14.55
N TYR B 232 33.25 8.02 -13.25
CA TYR B 232 33.02 9.26 -12.52
C TYR B 232 34.26 9.94 -11.95
N VAL B 233 35.45 9.41 -12.22
CA VAL B 233 36.67 10.00 -11.69
C VAL B 233 36.74 11.49 -12.01
N SER B 234 36.39 11.84 -13.24
CA SER B 234 36.39 13.23 -13.68
C SER B 234 35.42 14.07 -12.84
N TRP B 235 34.20 13.57 -12.68
CA TRP B 235 33.18 14.26 -11.92
C TRP B 235 33.56 14.39 -10.44
N ILE B 236 34.23 13.39 -9.92
CA ILE B 236 34.64 13.39 -8.52
C ILE B 236 35.68 14.46 -8.25
N LYS B 237 36.68 14.54 -9.12
CA LYS B 237 37.74 15.53 -8.97
C LYS B 237 37.20 16.94 -9.16
N GLN B 238 36.30 17.11 -10.12
CA GLN B 238 35.71 18.42 -10.39
C GLN B 238 34.83 18.88 -9.22
N THR B 239 34.11 17.94 -8.62
CA THR B 239 33.24 18.26 -7.50
C THR B 239 34.07 18.63 -6.26
N ILE B 240 35.12 17.86 -6.01
CA ILE B 240 35.99 18.12 -4.87
C ILE B 240 36.65 19.49 -4.97
N ALA B 241 36.99 19.91 -6.18
CA ALA B 241 37.63 21.21 -6.39
C ALA B 241 36.66 22.37 -6.19
N SER B 242 35.42 22.19 -6.59
CA SER B 242 34.39 23.22 -6.47
C SER B 242 33.69 23.24 -5.12
N ASN B 243 34.16 22.44 -4.17
CA ASN B 243 33.53 22.37 -2.87
C ASN B 243 34.55 22.23 -1.74
#